data_8EC5
#
_entry.id   8EC5
#
_cell.length_a   50.758
_cell.length_b   81.149
_cell.length_c   110.580
_cell.angle_alpha   90.000
_cell.angle_beta   90.000
_cell.angle_gamma   90.000
#
_symmetry.space_group_name_H-M   'P 21 21 21'
#
loop_
_entity.id
_entity.type
_entity.pdbx_description
1 polymer 'MHC class I antigen'
2 polymer Beta-2-microglobulin
3 polymer 'peptide RARARARARARAFVKKKYCL'
4 water water
#
loop_
_entity_poly.entity_id
_entity_poly.type
_entity_poly.pdbx_seq_one_letter_code
_entity_poly.pdbx_strand_id
1 'polypeptide(L)'
;GSHSMRYFDTAMSRPGRGEPRFISVGYVDDTQFVRFDSDAASPREEPRAPWIEQEGPEYWDRNTQIFKTNTQTDRCSLRN
LRGYYNQSEAGSHTLQSMYGCDVGPDGRLLRGHNQYAYDGKDYIALNEDLRSWTAADTAAQITQRKWEAARVAEQDRAYL
EGTCVEWLRRYLENGKDTLERADPPKTHVTHHPISDHEATLRCWALGFYPAEITLTWQRDGEDQTQDTELVETRPAGDRT
FQKWAAVVVPSGEEQRYTCHVQHEGLPKPLTLRWEP
;
A
2 'polypeptide(L)'
;IQRTPKIQVYSRHPAENGKSNFLNCYVSGFHPSDIEVDLLKNGERIEKVEHSDLSFSKDWSFYLLYYTEFTPTEKDEYAC
RVNHVTLSQPKIVKWDRDM
;
B
3 'polypeptide(L)' RARARARARARAFVKKKYCL C
#
# COMPACT_ATOMS: atom_id res chain seq x y z
N GLY A 1 -15.29 -14.88 -0.50
CA GLY A 1 -15.26 -13.43 -0.16
C GLY A 1 -15.42 -12.55 -1.41
N SER A 2 -15.37 -11.24 -1.24
CA SER A 2 -15.31 -10.28 -2.38
C SER A 2 -13.85 -10.08 -2.76
N HIS A 3 -13.62 -9.68 -4.01
CA HIS A 3 -12.26 -9.58 -4.54
C HIS A 3 -12.14 -8.37 -5.44
N SER A 4 -10.92 -7.93 -5.63
CA SER A 4 -10.59 -6.76 -6.47
C SER A 4 -9.42 -7.09 -7.37
N MET A 5 -9.41 -6.59 -8.57
CA MET A 5 -8.19 -6.48 -9.39
C MET A 5 -7.91 -5.00 -9.52
N ARG A 6 -6.69 -4.59 -9.26
CA ARG A 6 -6.37 -3.17 -9.35
C ARG A 6 -4.97 -2.97 -9.83
N TYR A 7 -4.79 -2.00 -10.69
CA TYR A 7 -3.48 -1.50 -11.11
C TYR A 7 -3.22 -0.18 -10.43
N PHE A 8 -1.98 0.01 -10.04
CA PHE A 8 -1.41 1.21 -9.43
C PHE A 8 -0.28 1.68 -10.32
N ASP A 9 -0.47 2.72 -11.09
CA ASP A 9 0.55 3.19 -12.04
C ASP A 9 1.13 4.50 -11.56
N THR A 10 2.42 4.67 -11.66
CA THR A 10 3.13 5.91 -11.28
C THR A 10 3.99 6.33 -12.46
N ALA A 11 3.83 7.55 -12.92
CA ALA A 11 4.75 8.14 -13.92
C ALA A 11 5.36 9.35 -13.30
N MET A 12 6.68 9.49 -13.35
CA MET A 12 7.33 10.60 -12.71
C MET A 12 8.38 11.23 -13.59
N SER A 13 8.23 12.52 -13.90
CA SER A 13 9.25 13.20 -14.72
C SER A 13 10.46 13.49 -13.83
N ARG A 14 11.57 13.73 -14.52
CA ARG A 14 12.90 13.88 -13.90
C ARG A 14 13.79 14.68 -14.83
N PRO A 15 13.47 15.95 -15.09
CA PRO A 15 14.21 16.73 -16.07
C PRO A 15 15.72 16.65 -15.87
N GLY A 16 16.34 16.40 -17.00
CA GLY A 16 17.80 16.24 -17.03
C GLY A 16 18.28 14.85 -16.66
N ARG A 17 17.40 13.93 -16.34
CA ARG A 17 17.72 12.54 -15.97
C ARG A 17 16.92 11.56 -16.83
N GLY A 18 16.66 11.92 -18.07
CA GLY A 18 15.98 11.06 -19.03
C GLY A 18 14.46 11.25 -19.03
N GLU A 19 13.77 10.41 -19.75
CA GLU A 19 12.30 10.48 -19.88
C GLU A 19 11.68 10.00 -18.58
N PRO A 20 10.38 10.35 -18.38
CA PRO A 20 9.74 9.97 -17.11
C PRO A 20 9.70 8.44 -16.91
N ARG A 21 9.99 8.04 -15.69
CA ARG A 21 9.84 6.62 -15.31
C ARG A 21 8.35 6.26 -15.28
N PHE A 22 7.97 5.13 -15.79
CA PHE A 22 6.62 4.58 -15.65
C PHE A 22 6.73 3.25 -14.96
N ILE A 23 5.98 3.05 -13.88
CA ILE A 23 5.85 1.70 -13.26
C ILE A 23 4.38 1.42 -13.08
N SER A 24 3.96 0.24 -13.43
CA SER A 24 2.59 -0.27 -13.31
C SER A 24 2.67 -1.54 -12.47
N VAL A 25 1.88 -1.63 -11.38
CA VAL A 25 1.82 -2.88 -10.59
C VAL A 25 0.37 -3.30 -10.54
N GLY A 26 0.12 -4.54 -10.83
CA GLY A 26 -1.22 -5.13 -10.72
C GLY A 26 -1.33 -6.04 -9.53
N TYR A 27 -2.48 -5.94 -8.90
CA TYR A 27 -2.83 -6.75 -7.72
C TYR A 27 -4.15 -7.44 -7.89
N VAL A 28 -4.27 -8.63 -7.28
CA VAL A 28 -5.56 -9.24 -6.95
C VAL A 28 -5.60 -9.15 -5.44
N ASP A 29 -6.53 -8.39 -4.90
CA ASP A 29 -6.57 -8.13 -3.45
C ASP A 29 -5.19 -7.63 -3.03
N ASP A 30 -4.56 -8.27 -2.02
CA ASP A 30 -3.27 -7.80 -1.52
C ASP A 30 -2.13 -8.60 -2.11
N THR A 31 -2.32 -9.27 -3.24
CA THR A 31 -1.28 -10.10 -3.88
C THR A 31 -0.87 -9.45 -5.21
N GLN A 32 0.37 -9.06 -5.34
CA GLN A 32 0.85 -8.54 -6.63
C GLN A 32 0.94 -9.64 -7.65
N PHE A 33 0.45 -9.47 -8.84
CA PHE A 33 0.53 -10.50 -9.90
C PHE A 33 1.38 -10.02 -11.08
N VAL A 34 1.66 -8.74 -11.24
CA VAL A 34 2.51 -8.29 -12.38
C VAL A 34 3.13 -6.97 -11.98
N ARG A 35 4.26 -6.69 -12.59
CA ARG A 35 4.90 -5.38 -12.55
C ARG A 35 5.48 -5.08 -13.91
N PHE A 36 5.43 -3.85 -14.33
CA PHE A 36 6.18 -3.33 -15.50
C PHE A 36 6.86 -2.07 -15.06
N ASP A 37 8.15 -1.97 -15.22
CA ASP A 37 8.92 -0.80 -14.82
C ASP A 37 9.71 -0.36 -16.05
N SER A 38 9.51 0.80 -16.60
CA SER A 38 10.27 1.26 -17.80
C SER A 38 11.77 1.38 -17.47
N ASP A 39 12.18 1.46 -16.27
CA ASP A 39 13.60 1.53 -15.86
C ASP A 39 14.20 0.11 -15.72
N ALA A 40 13.42 -0.96 -15.66
CA ALA A 40 13.93 -2.34 -15.48
C ALA A 40 14.84 -2.65 -16.66
N ALA A 41 16.00 -3.23 -16.42
CA ALA A 41 16.74 -3.93 -17.48
C ALA A 41 15.88 -5.10 -17.99
N TRP A 60 3.82 -12.13 -21.60
CA TRP A 60 3.34 -12.33 -22.99
C TRP A 60 3.33 -11.02 -23.78
N ASP A 61 3.79 -11.13 -25.03
CA ASP A 61 3.93 -10.06 -26.06
C ASP A 61 2.76 -9.08 -26.00
N ARG A 62 1.49 -9.48 -26.05
CA ARG A 62 0.41 -8.47 -26.23
C ARG A 62 0.35 -7.60 -24.97
N ASN A 63 0.49 -8.18 -23.79
CA ASN A 63 0.46 -7.38 -22.54
C ASN A 63 1.68 -6.49 -22.42
N THR A 64 2.87 -6.97 -22.73
CA THR A 64 4.06 -6.17 -22.71
C THR A 64 3.86 -5.01 -23.66
N GLN A 65 3.34 -5.24 -24.85
CA GLN A 65 3.14 -4.15 -25.83
C GLN A 65 2.25 -3.08 -25.19
N ILE A 66 1.17 -3.46 -24.52
CA ILE A 66 0.24 -2.45 -23.94
C ILE A 66 0.99 -1.71 -22.82
N PHE A 67 1.82 -2.34 -22.02
CA PHE A 67 2.60 -1.62 -21.00
C PHE A 67 3.52 -0.61 -21.66
N LYS A 68 4.20 -1.03 -22.75
CA LYS A 68 5.13 -0.12 -23.43
C LYS A 68 4.38 1.05 -24.02
N THR A 69 3.25 0.83 -24.62
CA THR A 69 2.46 1.93 -25.15
C THR A 69 1.99 2.83 -23.98
N ASN A 70 1.52 2.22 -22.88
CA ASN A 70 1.10 3.00 -21.71
C ASN A 70 2.22 3.87 -21.17
N THR A 71 3.46 3.45 -21.27
CA THR A 71 4.60 4.29 -20.87
C THR A 71 4.57 5.56 -21.70
N GLN A 72 4.43 5.40 -23.03
CA GLN A 72 4.42 6.57 -23.93
C GLN A 72 3.20 7.42 -23.61
N THR A 73 2.07 6.81 -23.40
CA THR A 73 0.83 7.59 -23.12
C THR A 73 1.01 8.41 -21.85
N ASP A 74 1.56 7.85 -20.78
CA ASP A 74 1.74 8.59 -19.53
C ASP A 74 2.78 9.72 -19.71
N ARG A 75 3.77 9.52 -20.56
CA ARG A 75 4.71 10.63 -20.88
C ARG A 75 3.96 11.74 -21.62
N CYS A 76 3.13 11.38 -22.56
CA CYS A 76 2.26 12.42 -23.21
C CYS A 76 1.46 13.15 -22.15
N SER A 77 0.83 12.42 -21.28
CA SER A 77 0.01 13.00 -20.21
C SER A 77 0.82 13.98 -19.41
N LEU A 78 1.99 13.60 -18.98
CA LEU A 78 2.79 14.48 -18.15
C LEU A 78 3.13 15.74 -18.93
N ARG A 79 3.44 15.67 -20.20
CA ARG A 79 3.73 16.90 -20.97
C ARG A 79 2.47 17.77 -21.00
N ASN A 80 1.33 17.18 -21.24
CA ASN A 80 0.09 17.98 -21.30
C ASN A 80 -0.22 18.63 -19.99
N LEU A 81 -0.09 17.90 -18.92
CA LEU A 81 -0.40 18.40 -17.59
C LEU A 81 0.52 19.56 -17.23
N ARG A 82 1.80 19.48 -17.54
CA ARG A 82 2.70 20.60 -17.25
C ARG A 82 2.13 21.82 -17.95
N GLY A 83 1.67 21.72 -19.17
CA GLY A 83 1.12 22.90 -19.84
C GLY A 83 -0.21 23.33 -19.23
N TYR A 84 -1.09 22.42 -18.84
CA TYR A 84 -2.38 22.79 -18.24
C TYR A 84 -2.19 23.59 -16.98
N TYR A 85 -1.07 23.46 -16.27
CA TYR A 85 -0.84 24.20 -15.04
C TYR A 85 0.24 25.26 -15.22
N ASN A 86 0.63 25.55 -16.44
CA ASN A 86 1.58 26.65 -16.74
C ASN A 86 2.89 26.39 -16.05
N GLN A 87 3.31 25.15 -15.91
CA GLN A 87 4.49 24.80 -15.12
C GLN A 87 5.76 24.86 -15.94
N SER A 88 6.85 25.13 -15.25
CA SER A 88 8.17 25.19 -15.92
C SER A 88 8.63 23.77 -16.30
N GLU A 89 9.56 23.69 -17.23
CA GLU A 89 10.22 22.44 -17.62
C GLU A 89 11.23 22.01 -16.55
N ALA A 90 11.52 22.78 -15.53
CA ALA A 90 12.57 22.46 -14.50
C ALA A 90 12.10 21.46 -13.47
N GLY A 91 10.83 21.40 -13.16
CA GLY A 91 10.39 20.63 -11.99
C GLY A 91 10.03 19.18 -12.34
N SER A 92 10.11 18.34 -11.36
CA SER A 92 9.61 16.94 -11.44
C SER A 92 8.15 16.94 -11.03
N HIS A 93 7.37 16.14 -11.71
CA HIS A 93 5.92 15.97 -11.42
C HIS A 93 5.55 14.51 -11.49
N THR A 94 4.47 14.16 -10.86
CA THR A 94 4.00 12.78 -10.69
C THR A 94 2.59 12.63 -11.21
N LEU A 95 2.32 11.67 -12.04
CA LEU A 95 0.95 11.27 -12.43
C LEU A 95 0.70 9.87 -11.91
N GLN A 96 -0.31 9.66 -11.14
CA GLN A 96 -0.72 8.33 -10.64
C GLN A 96 -2.07 7.96 -11.18
N SER A 97 -2.24 6.69 -11.39
CA SER A 97 -3.50 6.13 -11.85
C SER A 97 -3.86 4.90 -11.07
N MET A 98 -5.15 4.69 -10.85
CA MET A 98 -5.65 3.42 -10.29
C MET A 98 -6.83 2.99 -11.12
N TYR A 99 -6.87 1.76 -11.54
CA TYR A 99 -8.02 1.26 -12.33
C TYR A 99 -8.22 -0.20 -12.02
N GLY A 100 -9.43 -0.66 -12.23
CA GLY A 100 -9.78 -2.10 -12.09
C GLY A 100 -11.17 -2.32 -11.62
N CYS A 101 -11.46 -3.51 -11.16
CA CYS A 101 -12.82 -3.94 -10.89
C CYS A 101 -12.89 -4.59 -9.55
N ASP A 102 -14.04 -4.53 -8.93
CA ASP A 102 -14.42 -5.24 -7.71
C ASP A 102 -15.51 -6.26 -8.05
N VAL A 103 -15.41 -7.48 -7.58
CA VAL A 103 -16.48 -8.49 -7.75
C VAL A 103 -16.87 -9.05 -6.39
N GLY A 104 -18.10 -9.59 -6.37
CA GLY A 104 -18.59 -10.23 -5.14
C GLY A 104 -18.17 -11.69 -5.08
N PRO A 105 -18.69 -12.41 -4.05
CA PRO A 105 -18.41 -13.82 -3.87
C PRO A 105 -18.89 -14.72 -5.02
N ASP A 106 -19.87 -14.25 -5.78
CA ASP A 106 -20.45 -14.92 -6.95
C ASP A 106 -19.70 -14.52 -8.22
N GLY A 107 -18.67 -13.69 -8.11
CA GLY A 107 -17.96 -13.25 -9.32
C GLY A 107 -18.65 -12.11 -10.08
N ARG A 108 -19.79 -11.61 -9.63
CA ARG A 108 -20.50 -10.51 -10.37
C ARG A 108 -19.80 -9.17 -10.11
N LEU A 109 -19.83 -8.32 -11.10
CA LEU A 109 -19.25 -6.98 -10.96
C LEU A 109 -19.92 -6.23 -9.83
N LEU A 110 -19.19 -5.66 -8.91
CA LEU A 110 -19.67 -4.72 -7.89
C LEU A 110 -19.51 -3.32 -8.45
N ARG A 111 -18.29 -2.91 -8.88
CA ARG A 111 -18.06 -1.62 -9.52
C ARG A 111 -16.70 -1.60 -10.15
N GLY A 112 -16.54 -0.68 -11.07
CA GLY A 112 -15.28 -0.39 -11.75
C GLY A 112 -14.69 0.90 -11.26
N HIS A 113 -13.42 1.08 -11.54
CA HIS A 113 -12.61 2.26 -11.16
C HIS A 113 -11.69 2.64 -12.29
N ASN A 114 -11.50 3.95 -12.46
CA ASN A 114 -10.43 4.48 -13.33
C ASN A 114 -10.17 5.93 -12.97
N GLN A 115 -9.16 6.20 -12.19
CA GLN A 115 -8.97 7.57 -11.70
C GLN A 115 -7.51 7.94 -11.61
N TYR A 116 -7.26 9.23 -11.53
CA TYR A 116 -5.94 9.82 -11.69
C TYR A 116 -5.71 10.88 -10.66
N ALA A 117 -4.45 11.06 -10.30
CA ALA A 117 -3.98 12.13 -9.43
C ALA A 117 -2.74 12.74 -10.02
N TYR A 118 -2.57 14.03 -9.90
CA TYR A 118 -1.37 14.76 -10.38
C TYR A 118 -0.78 15.45 -9.17
N ASP A 119 0.51 15.20 -8.94
CA ASP A 119 1.24 15.77 -7.77
C ASP A 119 0.45 15.53 -6.51
N GLY A 120 -0.09 14.34 -6.39
CA GLY A 120 -0.74 13.89 -5.16
C GLY A 120 -2.16 14.39 -4.98
N LYS A 121 -2.71 15.11 -5.92
CA LYS A 121 -4.07 15.69 -5.83
C LYS A 121 -4.97 14.97 -6.83
N ASP A 122 -6.17 14.57 -6.41
CA ASP A 122 -7.17 14.01 -7.35
C ASP A 122 -7.32 14.94 -8.52
N TYR A 123 -7.36 14.36 -9.72
CA TYR A 123 -7.38 15.08 -10.97
C TYR A 123 -8.68 14.78 -11.75
N ILE A 124 -8.88 13.52 -12.12
CA ILE A 124 -10.10 13.13 -12.87
C ILE A 124 -10.41 11.72 -12.48
N ALA A 125 -11.70 11.36 -12.49
CA ALA A 125 -12.14 10.00 -12.17
C ALA A 125 -13.31 9.66 -13.05
N LEU A 126 -13.35 8.44 -13.53
CA LEU A 126 -14.55 7.83 -14.13
C LEU A 126 -15.55 7.61 -13.02
N ASN A 127 -16.76 8.11 -13.20
CA ASN A 127 -17.81 7.88 -12.19
C ASN A 127 -18.24 6.42 -12.18
N GLU A 128 -18.99 6.08 -11.13
CA GLU A 128 -19.42 4.69 -10.90
C GLU A 128 -20.31 4.19 -12.05
N ASP A 129 -20.97 5.11 -12.76
CA ASP A 129 -21.76 4.75 -13.93
C ASP A 129 -20.96 4.22 -15.09
N LEU A 130 -19.64 4.43 -15.06
CA LEU A 130 -18.71 4.05 -16.13
C LEU A 130 -19.04 4.77 -17.42
N ARG A 131 -19.65 5.94 -17.32
CA ARG A 131 -20.08 6.69 -18.53
C ARG A 131 -19.65 8.15 -18.49
N SER A 132 -19.46 8.72 -17.35
CA SER A 132 -19.24 10.17 -17.15
C SER A 132 -18.00 10.38 -16.25
N TRP A 133 -17.49 11.56 -16.28
CA TRP A 133 -16.24 11.94 -15.61
C TRP A 133 -16.46 12.96 -14.53
N THR A 134 -15.70 12.97 -13.47
CA THR A 134 -15.59 14.07 -12.47
C THR A 134 -14.20 14.67 -12.53
N ALA A 135 -14.14 15.91 -12.94
CA ALA A 135 -12.89 16.69 -13.07
C ALA A 135 -12.70 17.59 -11.89
N ALA A 136 -11.51 17.65 -11.30
CA ALA A 136 -11.26 18.41 -10.07
C ALA A 136 -11.12 19.89 -10.31
N ASP A 137 -10.72 20.33 -11.46
CA ASP A 137 -10.34 21.73 -11.69
C ASP A 137 -10.41 22.04 -13.17
N THR A 138 -10.10 23.29 -13.58
CA THR A 138 -10.20 23.67 -15.00
C THR A 138 -9.20 22.93 -15.89
N ALA A 139 -8.08 22.49 -15.37
CA ALA A 139 -7.14 21.65 -16.14
C ALA A 139 -7.79 20.32 -16.44
N ALA A 140 -8.32 19.65 -15.41
CA ALA A 140 -8.95 18.34 -15.62
C ALA A 140 -10.18 18.46 -16.51
N GLN A 141 -10.84 19.62 -16.56
CA GLN A 141 -11.92 19.83 -17.53
C GLN A 141 -11.44 19.74 -18.95
N ILE A 142 -10.21 20.13 -19.22
CA ILE A 142 -9.66 19.95 -20.57
C ILE A 142 -9.60 18.46 -20.91
N THR A 143 -9.03 17.68 -19.98
CA THR A 143 -8.97 16.22 -20.17
C THR A 143 -10.39 15.66 -20.37
N GLN A 144 -11.28 16.09 -19.53
CA GLN A 144 -12.67 15.59 -19.59
C GLN A 144 -13.23 15.84 -20.99
N ARG A 145 -13.11 17.07 -21.52
CA ARG A 145 -13.66 17.39 -22.87
C ARG A 145 -12.98 16.55 -23.91
N LYS A 146 -11.69 16.37 -23.83
CA LYS A 146 -10.99 15.54 -24.81
C LYS A 146 -11.51 14.13 -24.77
N TRP A 147 -11.65 13.57 -23.59
CA TRP A 147 -12.11 12.16 -23.43
C TRP A 147 -13.55 12.03 -23.82
N GLU A 148 -14.37 13.02 -23.59
CA GLU A 148 -15.78 12.99 -24.08
C GLU A 148 -15.80 12.99 -25.59
N ALA A 149 -14.97 13.80 -26.22
CA ALA A 149 -14.95 13.92 -27.70
C ALA A 149 -14.49 12.61 -28.28
N ALA A 150 -13.60 11.91 -27.62
CA ALA A 150 -13.05 10.65 -28.16
C ALA A 150 -13.80 9.42 -27.62
N ARG A 151 -14.85 9.60 -26.86
CA ARG A 151 -15.65 8.46 -26.33
C ARG A 151 -14.75 7.47 -25.57
N VAL A 152 -13.80 8.00 -24.78
CA VAL A 152 -12.88 7.18 -23.95
C VAL A 152 -13.67 6.38 -22.92
N ALA A 153 -14.65 6.96 -22.29
CA ALA A 153 -15.37 6.22 -21.24
C ALA A 153 -15.92 4.91 -21.76
N GLU A 154 -16.39 4.88 -22.99
CA GLU A 154 -16.97 3.64 -23.55
C GLU A 154 -15.92 2.56 -23.64
N GLN A 155 -14.70 2.90 -23.99
CA GLN A 155 -13.59 1.95 -24.02
C GLN A 155 -13.23 1.48 -22.62
N ASP A 156 -13.16 2.39 -21.65
CA ASP A 156 -12.86 2.02 -20.26
C ASP A 156 -13.96 1.10 -19.73
N ARG A 157 -15.22 1.45 -19.98
CA ARG A 157 -16.34 0.63 -19.53
C ARG A 157 -16.23 -0.80 -20.10
N ALA A 158 -15.89 -0.95 -21.36
CA ALA A 158 -15.80 -2.27 -22.00
C ALA A 158 -14.71 -3.05 -21.29
N TYR A 159 -13.56 -2.47 -20.99
CA TYR A 159 -12.46 -3.13 -20.28
C TYR A 159 -12.93 -3.50 -18.89
N LEU A 160 -13.51 -2.59 -18.14
CA LEU A 160 -13.77 -2.82 -16.72
C LEU A 160 -14.88 -3.86 -16.52
N GLU A 161 -15.90 -3.85 -17.35
CA GLU A 161 -17.05 -4.79 -17.25
C GLU A 161 -16.72 -6.12 -17.88
N GLY A 162 -15.87 -6.18 -18.88
CA GLY A 162 -15.61 -7.34 -19.73
C GLY A 162 -14.30 -7.95 -19.28
N THR A 163 -13.24 -7.47 -19.86
CA THR A 163 -11.90 -8.02 -19.73
C THR A 163 -11.49 -8.14 -18.26
N CYS A 164 -11.65 -7.11 -17.46
CA CYS A 164 -11.16 -7.10 -16.07
C CYS A 164 -11.87 -8.13 -15.23
N VAL A 165 -13.20 -8.17 -15.33
CA VAL A 165 -14.01 -9.16 -14.55
C VAL A 165 -13.66 -10.58 -15.01
N GLU A 166 -13.48 -10.81 -16.31
CA GLU A 166 -13.20 -12.16 -16.82
C GLU A 166 -11.84 -12.57 -16.31
N TRP A 167 -10.83 -11.73 -16.40
CA TRP A 167 -9.49 -12.10 -15.94
C TRP A 167 -9.49 -12.28 -14.44
N LEU A 168 -10.17 -11.47 -13.70
CA LEU A 168 -10.14 -11.63 -12.22
C LEU A 168 -10.78 -12.99 -11.89
N ARG A 169 -11.90 -13.34 -12.52
CA ARG A 169 -12.52 -14.65 -12.19
C ARG A 169 -11.55 -15.77 -12.54
N ARG A 170 -10.85 -15.71 -13.66
CA ARG A 170 -9.91 -16.78 -14.08
C ARG A 170 -8.79 -16.85 -13.06
N TYR A 171 -8.22 -15.71 -12.65
CA TYR A 171 -7.07 -15.73 -11.73
C TYR A 171 -7.53 -16.30 -10.40
N LEU A 172 -8.67 -15.95 -9.92
CA LEU A 172 -9.19 -16.42 -8.63
C LEU A 172 -9.31 -17.94 -8.70
N GLU A 173 -9.83 -18.45 -9.80
CA GLU A 173 -10.06 -19.91 -9.90
C GLU A 173 -8.71 -20.58 -9.97
N ASN A 174 -7.80 -20.12 -10.79
CA ASN A 174 -6.50 -20.77 -10.99
C ASN A 174 -5.69 -20.66 -9.70
N GLY A 175 -5.84 -19.59 -8.93
CA GLY A 175 -5.06 -19.34 -7.71
C GLY A 175 -5.91 -19.63 -6.50
N LYS A 176 -6.92 -20.45 -6.56
CA LYS A 176 -7.90 -20.56 -5.47
C LYS A 176 -7.24 -20.96 -4.13
N ASP A 177 -6.18 -21.73 -4.15
CA ASP A 177 -5.57 -22.23 -2.89
C ASP A 177 -4.87 -21.11 -2.15
N THR A 178 -4.56 -19.98 -2.75
CA THR A 178 -3.99 -18.82 -2.06
C THR A 178 -4.91 -17.64 -2.12
N LEU A 179 -5.35 -17.24 -3.30
CA LEU A 179 -6.12 -15.99 -3.46
C LEU A 179 -7.45 -16.07 -2.73
N GLU A 180 -8.05 -17.26 -2.71
CA GLU A 180 -9.33 -17.47 -2.00
C GLU A 180 -9.15 -18.04 -0.61
N ARG A 181 -7.96 -18.07 -0.10
CA ARG A 181 -7.74 -18.54 1.27
C ARG A 181 -7.48 -17.33 2.16
N ALA A 182 -8.27 -17.19 3.20
CA ALA A 182 -8.08 -16.17 4.24
C ALA A 182 -7.33 -16.81 5.39
N ASP A 183 -6.20 -16.27 5.75
CA ASP A 183 -5.38 -16.74 6.88
C ASP A 183 -5.67 -15.87 8.09
N PRO A 184 -6.15 -16.47 9.20
CA PRO A 184 -6.50 -15.67 10.35
C PRO A 184 -5.26 -15.15 11.03
N PRO A 185 -5.46 -14.05 11.82
CA PRO A 185 -4.38 -13.53 12.64
C PRO A 185 -4.02 -14.45 13.81
N LYS A 186 -2.79 -14.60 14.10
CA LYS A 186 -2.29 -15.14 15.38
C LYS A 186 -2.22 -13.96 16.33
N THR A 187 -2.73 -14.09 17.54
CA THR A 187 -2.94 -12.92 18.43
C THR A 187 -2.33 -13.17 19.81
N HIS A 188 -1.86 -12.10 20.43
CA HIS A 188 -1.44 -12.12 21.86
C HIS A 188 -1.51 -10.69 22.36
N VAL A 189 -1.53 -10.57 23.69
CA VAL A 189 -1.50 -9.27 24.39
C VAL A 189 -0.22 -9.22 25.18
N THR A 190 0.51 -8.16 25.07
CA THR A 190 1.70 -7.89 25.87
C THR A 190 1.45 -6.72 26.83
N HIS A 191 2.26 -6.68 27.89
CA HIS A 191 2.10 -5.75 29.03
C HIS A 191 3.45 -5.12 29.33
N HIS A 192 3.59 -3.82 29.36
CA HIS A 192 4.87 -3.17 29.73
C HIS A 192 4.54 -2.03 30.67
N PRO A 193 4.99 -2.05 31.95
CA PRO A 193 4.94 -0.84 32.77
C PRO A 193 5.68 0.32 32.11
N ILE A 194 5.10 1.50 32.16
CA ILE A 194 5.76 2.77 31.74
C ILE A 194 6.16 3.57 32.98
N SER A 195 5.59 3.24 34.12
CA SER A 195 5.84 3.93 35.41
C SER A 195 5.20 3.08 36.50
N ASP A 196 5.29 3.49 37.76
CA ASP A 196 4.58 2.82 38.87
C ASP A 196 3.07 2.88 38.68
N HIS A 197 2.60 3.90 37.99
CA HIS A 197 1.15 4.23 37.92
C HIS A 197 0.48 3.65 36.67
N GLU A 198 1.20 3.34 35.61
CA GLU A 198 0.57 3.04 34.27
C GLU A 198 1.37 1.97 33.57
N ALA A 199 0.71 1.23 32.70
CA ALA A 199 1.34 0.24 31.80
C ALA A 199 0.68 0.31 30.43
N THR A 200 1.45 -0.14 29.45
CA THR A 200 0.94 -0.33 28.09
C THR A 200 0.43 -1.73 27.93
N LEU A 201 -0.78 -1.86 27.41
CA LEU A 201 -1.28 -3.13 26.87
C LEU A 201 -1.24 -3.02 25.35
N ARG A 202 -0.60 -4.02 24.72
CA ARG A 202 -0.48 -4.05 23.24
C ARG A 202 -1.09 -5.33 22.72
N CYS A 203 -2.07 -5.19 21.84
CA CYS A 203 -2.74 -6.33 21.23
C CYS A 203 -2.20 -6.51 19.81
N TRP A 204 -1.69 -7.67 19.57
CA TRP A 204 -0.98 -8.06 18.32
C TRP A 204 -1.86 -8.91 17.46
N ALA A 205 -1.76 -8.73 16.15
CA ALA A 205 -2.33 -9.61 15.08
C ALA A 205 -1.20 -9.87 14.09
N LEU A 206 -0.82 -11.12 13.88
CA LEU A 206 0.31 -11.48 13.04
C LEU A 206 -0.14 -12.57 12.07
N GLY A 207 0.43 -12.57 10.88
CA GLY A 207 0.28 -13.73 9.97
C GLY A 207 -1.03 -13.75 9.24
N PHE A 208 -1.75 -12.65 9.06
CA PHE A 208 -3.10 -12.69 8.45
C PHE A 208 -3.05 -12.27 6.97
N TYR A 209 -4.05 -12.72 6.28
CA TYR A 209 -4.24 -12.38 4.85
C TYR A 209 -5.75 -12.54 4.59
N PRO A 210 -6.44 -11.60 3.94
CA PRO A 210 -5.90 -10.34 3.38
C PRO A 210 -5.61 -9.33 4.48
N ALA A 211 -5.19 -8.14 4.06
CA ALA A 211 -4.72 -7.12 5.02
C ALA A 211 -5.86 -6.53 5.82
N GLU A 212 -7.07 -6.48 5.30
CA GLU A 212 -8.22 -5.89 6.04
C GLU A 212 -8.40 -6.62 7.37
N ILE A 213 -8.46 -5.83 8.43
CA ILE A 213 -8.61 -6.31 9.81
C ILE A 213 -9.19 -5.18 10.66
N THR A 214 -9.89 -5.60 11.71
CA THR A 214 -10.34 -4.63 12.76
C THR A 214 -9.72 -5.08 14.07
N LEU A 215 -9.01 -4.15 14.67
CA LEU A 215 -8.33 -4.38 15.93
C LEU A 215 -8.67 -3.18 16.83
N THR A 216 -9.35 -3.47 17.94
CA THR A 216 -9.79 -2.39 18.85
C THR A 216 -9.58 -2.80 20.31
N TRP A 217 -9.39 -1.78 21.19
CA TRP A 217 -9.48 -1.89 22.66
C TRP A 217 -10.82 -1.33 23.14
N GLN A 218 -11.38 -2.04 24.11
CA GLN A 218 -12.51 -1.54 24.96
C GLN A 218 -12.07 -1.46 26.41
N ARG A 219 -12.62 -0.46 27.12
CA ARG A 219 -12.51 -0.30 28.62
C ARG A 219 -13.92 -0.44 29.18
N ASP A 220 -14.18 -1.46 29.97
CA ASP A 220 -15.58 -1.67 30.48
C ASP A 220 -16.54 -1.69 29.29
N GLY A 221 -16.18 -2.31 28.16
CA GLY A 221 -17.05 -2.47 26.97
C GLY A 221 -17.33 -1.16 26.23
N GLU A 222 -16.59 -0.10 26.45
CA GLU A 222 -16.66 1.17 25.70
C GLU A 222 -15.43 1.21 24.80
N ASP A 223 -15.63 1.44 23.50
CA ASP A 223 -14.51 1.66 22.56
C ASP A 223 -13.60 2.79 23.10
N GLN A 224 -12.28 2.66 22.91
CA GLN A 224 -11.22 3.61 23.35
C GLN A 224 -10.52 4.23 22.15
N THR A 225 -11.30 4.68 21.16
CA THR A 225 -10.73 5.13 19.86
C THR A 225 -9.67 6.20 20.13
N GLN A 226 -9.99 7.18 20.97
CA GLN A 226 -9.11 8.36 21.18
C GLN A 226 -7.83 7.96 21.93
N ASP A 227 -7.89 6.96 22.80
CA ASP A 227 -6.77 6.60 23.69
C ASP A 227 -5.99 5.41 23.12
N THR A 228 -6.38 4.90 21.97
CA THR A 228 -5.65 3.75 21.33
C THR A 228 -4.61 4.24 20.35
N GLU A 229 -3.39 3.73 20.44
CA GLU A 229 -2.38 3.93 19.38
C GLU A 229 -2.49 2.73 18.42
N LEU A 230 -2.86 2.98 17.19
CA LEU A 230 -3.10 1.91 16.18
C LEU A 230 -2.10 2.08 15.06
N VAL A 231 -1.12 1.19 14.88
CA VAL A 231 -0.14 1.31 13.78
C VAL A 231 -0.80 0.90 12.47
N GLU A 232 -0.30 1.42 11.39
CA GLU A 232 -0.72 1.01 10.06
C GLU A 232 -0.44 -0.49 9.89
N THR A 233 -1.38 -1.15 9.22
CA THR A 233 -1.17 -2.56 8.84
C THR A 233 0.07 -2.66 7.97
N ARG A 234 0.91 -3.64 8.16
CA ARG A 234 2.25 -3.67 7.55
C ARG A 234 2.53 -5.05 7.01
N PRO A 235 3.21 -5.16 5.86
CA PRO A 235 3.48 -6.47 5.27
C PRO A 235 4.61 -7.18 5.97
N ALA A 236 4.50 -8.47 6.16
CA ALA A 236 5.55 -9.28 6.75
C ALA A 236 6.58 -9.72 5.74
N GLY A 237 6.22 -9.85 4.46
CA GLY A 237 7.09 -10.34 3.35
C GLY A 237 6.84 -11.78 3.00
N ASP A 238 5.95 -12.45 3.64
CA ASP A 238 5.59 -13.86 3.35
C ASP A 238 4.13 -13.94 2.85
N ARG A 239 3.63 -12.81 2.33
CA ARG A 239 2.26 -12.53 1.83
C ARG A 239 1.37 -11.97 2.93
N THR A 240 1.70 -12.26 4.20
CA THR A 240 0.83 -11.93 5.35
C THR A 240 1.11 -10.51 5.84
N PHE A 241 0.23 -10.08 6.71
CA PHE A 241 0.25 -8.74 7.32
C PHE A 241 0.28 -8.81 8.84
N GLN A 242 0.63 -7.67 9.43
CA GLN A 242 0.76 -7.52 10.89
C GLN A 242 0.11 -6.22 11.29
N LYS A 243 -0.38 -6.13 12.53
CA LYS A 243 -0.91 -4.89 13.10
C LYS A 243 -0.86 -4.98 14.60
N TRP A 244 -0.76 -3.86 15.29
CA TRP A 244 -1.01 -3.84 16.73
C TRP A 244 -1.76 -2.58 17.08
N ALA A 245 -2.37 -2.67 18.27
CA ALA A 245 -3.11 -1.60 18.93
C ALA A 245 -2.74 -1.57 20.41
N ALA A 246 -2.39 -0.40 20.93
CA ALA A 246 -1.94 -0.24 22.33
C ALA A 246 -2.77 0.82 23.04
N VAL A 247 -2.95 0.56 24.32
CA VAL A 247 -3.60 1.51 25.25
C VAL A 247 -2.73 1.55 26.50
N VAL A 248 -2.70 2.74 27.10
CA VAL A 248 -2.06 2.98 28.41
C VAL A 248 -3.12 2.88 29.48
N VAL A 249 -2.88 2.07 30.44
CA VAL A 249 -3.92 1.76 31.43
C VAL A 249 -3.36 1.91 32.84
N PRO A 250 -4.22 2.26 33.82
CA PRO A 250 -3.73 2.39 35.20
C PRO A 250 -3.38 1.01 35.73
N SER A 251 -2.30 1.00 36.50
CA SER A 251 -1.77 -0.23 37.13
C SER A 251 -2.88 -0.86 37.96
N GLY A 252 -3.13 -2.13 37.80
CA GLY A 252 -4.20 -2.78 38.56
C GLY A 252 -5.50 -2.92 37.79
N GLU A 253 -5.72 -2.10 36.76
CA GLU A 253 -7.01 -2.08 36.05
C GLU A 253 -7.00 -2.92 34.76
N GLU A 254 -5.98 -3.74 34.53
CA GLU A 254 -5.77 -4.39 33.20
C GLU A 254 -6.98 -5.21 32.82
N GLN A 255 -7.67 -5.88 33.76
CA GLN A 255 -8.74 -6.81 33.37
C GLN A 255 -10.01 -6.06 32.95
N ARG A 256 -10.06 -4.76 33.05
CA ARG A 256 -11.20 -4.00 32.50
C ARG A 256 -11.06 -3.83 30.98
N TYR A 257 -9.88 -4.14 30.45
CA TYR A 257 -9.58 -3.91 29.01
C TYR A 257 -9.67 -5.22 28.22
N THR A 258 -10.36 -5.07 27.09
CA THR A 258 -10.48 -6.20 26.15
C THR A 258 -10.07 -5.70 24.78
N CYS A 259 -9.36 -6.62 24.10
CA CYS A 259 -8.98 -6.42 22.67
C CYS A 259 -9.90 -7.26 21.79
N HIS A 260 -10.40 -6.61 20.78
CA HIS A 260 -11.37 -7.25 19.85
C HIS A 260 -10.75 -7.34 18.46
N VAL A 261 -10.85 -8.53 17.89
CA VAL A 261 -10.21 -8.83 16.58
C VAL A 261 -11.27 -9.38 15.63
N GLN A 262 -11.42 -8.72 14.50
CA GLN A 262 -12.26 -9.24 13.40
C GLN A 262 -11.40 -9.42 12.14
N HIS A 263 -11.55 -10.59 11.50
CA HIS A 263 -10.80 -10.94 10.28
C HIS A 263 -11.55 -12.05 9.55
N GLU A 264 -11.51 -12.04 8.21
CA GLU A 264 -12.16 -13.08 7.35
C GLU A 264 -11.64 -14.48 7.63
N GLY A 265 -10.45 -14.71 8.10
CA GLY A 265 -9.94 -16.07 8.34
C GLY A 265 -10.37 -16.68 9.67
N LEU A 266 -10.91 -15.87 10.57
CA LEU A 266 -11.33 -16.36 11.90
C LEU A 266 -12.70 -17.01 11.75
N PRO A 267 -12.92 -18.16 12.40
CA PRO A 267 -14.26 -18.75 12.44
C PRO A 267 -15.22 -17.89 13.27
N LYS A 268 -14.69 -17.20 14.29
CA LYS A 268 -15.44 -16.20 15.08
C LYS A 268 -14.49 -15.09 15.54
N PRO A 269 -15.03 -13.86 15.73
CA PRO A 269 -14.23 -12.79 16.32
C PRO A 269 -13.65 -13.13 17.69
N LEU A 270 -12.46 -12.60 17.95
CA LEU A 270 -11.68 -12.82 19.18
C LEU A 270 -11.95 -11.69 20.18
N THR A 271 -11.99 -12.10 21.44
CA THR A 271 -11.95 -11.17 22.60
C THR A 271 -10.76 -11.62 23.40
N LEU A 272 -9.77 -10.75 23.59
CA LEU A 272 -8.54 -11.12 24.29
C LEU A 272 -8.35 -10.16 25.47
N ARG A 273 -7.75 -10.67 26.50
CA ARG A 273 -7.31 -9.83 27.61
C ARG A 273 -5.87 -10.18 27.90
N TRP A 274 -5.17 -9.33 28.63
CA TRP A 274 -3.85 -9.69 29.16
C TRP A 274 -3.98 -10.93 30.03
N GLU A 275 -3.04 -11.86 29.86
CA GLU A 275 -2.91 -13.16 30.61
C GLU A 275 -4.13 -14.04 30.34
N ILE B 1 0.53 17.94 -1.41
CA ILE B 1 1.78 18.60 -1.92
C ILE B 1 2.99 17.74 -1.49
N GLN B 2 3.42 17.80 -0.22
CA GLN B 2 4.44 16.83 0.25
C GLN B 2 3.92 16.15 1.49
N ARG B 3 4.17 14.86 1.62
CA ARG B 3 3.74 14.09 2.79
C ARG B 3 4.95 13.34 3.31
N THR B 4 5.24 13.42 4.60
CA THR B 4 6.46 12.79 5.15
C THR B 4 6.20 11.33 5.43
N PRO B 5 7.23 10.50 5.27
CA PRO B 5 7.00 9.08 5.52
C PRO B 5 6.72 8.69 6.96
N LYS B 6 5.87 7.74 7.16
CA LYS B 6 5.70 6.92 8.36
C LYS B 6 6.72 5.83 8.22
N ILE B 7 7.28 5.35 9.31
CA ILE B 7 8.36 4.36 9.31
C ILE B 7 8.05 3.32 10.33
N GLN B 8 8.09 2.05 10.04
CA GLN B 8 8.04 0.95 11.01
C GLN B 8 9.17 0.01 10.74
N VAL B 9 9.85 -0.47 11.78
CA VAL B 9 10.95 -1.42 11.65
C VAL B 9 10.57 -2.62 12.49
N TYR B 10 10.68 -3.80 11.94
CA TYR B 10 10.09 -4.99 12.61
C TYR B 10 10.61 -6.23 11.93
N SER B 11 10.36 -7.40 12.49
CA SER B 11 10.75 -8.67 11.89
C SER B 11 9.58 -9.42 11.26
N ARG B 12 9.91 -10.21 10.27
CA ARG B 12 8.89 -11.01 9.56
C ARG B 12 8.25 -11.99 10.54
N HIS B 13 9.11 -12.71 11.26
CA HIS B 13 8.68 -13.73 12.24
C HIS B 13 8.99 -13.21 13.62
N PRO B 14 8.36 -13.79 14.66
CA PRO B 14 8.73 -13.40 16.03
C PRO B 14 10.23 -13.62 16.31
N ALA B 15 10.85 -12.63 16.93
CA ALA B 15 12.31 -12.58 17.13
C ALA B 15 12.72 -13.65 18.13
N GLU B 16 13.68 -14.47 17.73
CA GLU B 16 14.34 -15.47 18.63
C GLU B 16 15.85 -15.29 18.46
N ASN B 17 16.57 -14.94 19.52
CA ASN B 17 18.04 -14.75 19.46
C ASN B 17 18.67 -16.01 18.85
N GLY B 18 19.55 -15.81 17.87
CA GLY B 18 20.31 -16.86 17.18
C GLY B 18 19.51 -17.55 16.09
N LYS B 19 18.26 -17.13 15.82
CA LYS B 19 17.50 -17.76 14.73
C LYS B 19 17.31 -16.78 13.55
N SER B 20 17.61 -17.26 12.36
CA SER B 20 17.53 -16.49 11.10
C SER B 20 16.09 -15.99 10.88
N ASN B 21 15.96 -14.77 10.40
CA ASN B 21 14.67 -14.06 10.27
C ASN B 21 14.85 -13.03 9.14
N PHE B 22 13.84 -12.18 8.96
CA PHE B 22 13.97 -11.01 8.04
C PHE B 22 13.68 -9.76 8.80
N LEU B 23 14.50 -8.75 8.58
CA LEU B 23 14.35 -7.42 9.14
C LEU B 23 13.67 -6.58 8.08
N ASN B 24 12.61 -5.93 8.46
CA ASN B 24 11.74 -5.13 7.57
C ASN B 24 11.79 -3.70 7.98
N CYS B 25 11.81 -2.80 7.02
CA CYS B 25 11.53 -1.40 7.23
C CYS B 25 10.45 -0.98 6.23
N TYR B 26 9.29 -0.68 6.76
CA TYR B 26 8.12 -0.31 5.95
C TYR B 26 7.95 1.17 5.97
N VAL B 27 8.06 1.82 4.85
CA VAL B 27 7.87 3.27 4.75
C VAL B 27 6.59 3.52 4.00
N SER B 28 5.73 4.38 4.48
CA SER B 28 4.40 4.55 3.88
C SER B 28 3.92 5.96 4.06
N GLY B 29 2.88 6.32 3.37
CA GLY B 29 2.23 7.62 3.60
C GLY B 29 2.98 8.77 3.02
N PHE B 30 3.94 8.58 2.14
CA PHE B 30 4.81 9.67 1.69
C PHE B 30 4.48 10.11 0.26
N HIS B 31 4.88 11.30 -0.07
CA HIS B 31 4.70 11.90 -1.40
C HIS B 31 5.67 13.07 -1.49
N PRO B 32 6.45 13.24 -2.54
CA PRO B 32 6.53 12.41 -3.73
C PRO B 32 7.29 11.11 -3.43
N SER B 33 7.55 10.32 -4.45
CA SER B 33 7.96 8.92 -4.27
C SER B 33 9.46 8.74 -4.00
N ASP B 34 10.29 9.67 -4.37
CA ASP B 34 11.76 9.46 -4.15
C ASP B 34 12.01 9.42 -2.63
N ILE B 35 12.78 8.40 -2.25
CA ILE B 35 13.04 8.16 -0.81
C ILE B 35 14.30 7.31 -0.75
N GLU B 36 15.06 7.49 0.33
CA GLU B 36 16.30 6.70 0.51
C GLU B 36 16.13 5.96 1.81
N VAL B 37 16.32 4.67 1.77
CA VAL B 37 16.11 3.81 2.96
C VAL B 37 17.33 2.91 3.05
N ASP B 38 17.93 2.92 4.22
CA ASP B 38 19.02 1.98 4.60
C ASP B 38 18.56 1.19 5.82
N LEU B 39 18.96 -0.06 5.85
CA LEU B 39 18.91 -0.85 7.10
C LEU B 39 20.31 -0.88 7.71
N LEU B 40 20.36 -0.76 9.03
CA LEU B 40 21.63 -0.62 9.76
C LEU B 40 21.77 -1.78 10.72
N LYS B 41 22.98 -2.26 10.85
CA LYS B 41 23.44 -3.26 11.84
C LYS B 41 24.56 -2.59 12.63
N ASN B 42 24.32 -2.32 13.90
CA ASN B 42 25.29 -1.64 14.79
C ASN B 42 25.77 -0.38 14.08
N GLY B 43 24.84 0.39 13.51
CA GLY B 43 25.07 1.71 12.90
C GLY B 43 25.60 1.65 11.49
N GLU B 44 25.88 0.46 10.92
CA GLU B 44 26.55 0.33 9.60
C GLU B 44 25.53 -0.11 8.58
N ARG B 45 25.56 0.44 7.37
CA ARG B 45 24.59 0.08 6.30
C ARG B 45 24.74 -1.37 5.91
N ILE B 46 23.65 -2.11 5.95
CA ILE B 46 23.60 -3.48 5.44
C ILE B 46 23.59 -3.45 3.91
N GLU B 47 24.36 -4.33 3.28
CA GLU B 47 24.46 -4.35 1.80
C GLU B 47 23.36 -5.22 1.18
N LYS B 48 23.01 -4.97 -0.06
CA LYS B 48 22.14 -5.86 -0.89
C LYS B 48 20.72 -5.95 -0.30
N VAL B 49 20.28 -4.93 0.41
CA VAL B 49 18.88 -4.87 0.94
C VAL B 49 17.97 -4.81 -0.28
N GLU B 50 16.89 -5.60 -0.29
CA GLU B 50 15.89 -5.63 -1.38
C GLU B 50 14.71 -4.77 -1.00
N HIS B 51 13.92 -4.39 -1.97
CA HIS B 51 12.68 -3.66 -1.68
C HIS B 51 11.58 -4.09 -2.64
N SER B 52 10.37 -3.85 -2.23
CA SER B 52 9.18 -4.10 -3.05
C SER B 52 9.08 -3.10 -4.18
N ASP B 53 8.16 -3.40 -5.10
CA ASP B 53 7.87 -2.54 -6.25
C ASP B 53 7.03 -1.36 -5.81
N LEU B 54 7.37 -0.17 -6.22
CA LEU B 54 6.65 1.05 -5.80
C LEU B 54 5.18 0.89 -6.07
N SER B 55 4.38 1.18 -5.04
CA SER B 55 2.94 1.17 -5.11
C SER B 55 2.44 2.28 -4.18
N PHE B 56 1.15 2.41 -4.07
CA PHE B 56 0.53 3.46 -3.25
C PHE B 56 -0.83 3.05 -2.82
N SER B 57 -1.28 3.70 -1.77
CA SER B 57 -2.60 3.43 -1.19
C SER B 57 -3.65 4.23 -1.91
N LYS B 58 -4.89 4.01 -1.50
CA LYS B 58 -5.98 4.68 -2.27
C LYS B 58 -6.02 6.17 -2.00
N ASP B 59 -5.36 6.72 -1.02
CA ASP B 59 -5.16 8.17 -0.82
C ASP B 59 -3.96 8.77 -1.59
N TRP B 60 -3.37 7.93 -2.45
CA TRP B 60 -2.27 8.25 -3.39
C TRP B 60 -0.92 8.24 -2.69
N SER B 61 -0.83 8.02 -1.40
CA SER B 61 0.49 8.03 -0.75
C SER B 61 1.24 6.73 -1.01
N PHE B 62 2.53 6.90 -1.24
CA PHE B 62 3.41 5.77 -1.60
C PHE B 62 3.79 4.91 -0.44
N TYR B 63 4.12 3.67 -0.74
CA TYR B 63 4.69 2.77 0.27
C TYR B 63 5.70 1.83 -0.36
N LEU B 64 6.70 1.44 0.42
CA LEU B 64 7.76 0.48 0.04
C LEU B 64 8.11 -0.34 1.26
N LEU B 65 8.44 -1.58 1.06
CA LEU B 65 9.04 -2.44 2.08
C LEU B 65 10.47 -2.73 1.69
N TYR B 66 11.40 -2.44 2.57
CA TYR B 66 12.80 -2.79 2.45
C TYR B 66 13.06 -3.95 3.41
N TYR B 67 13.84 -4.94 3.01
CA TYR B 67 14.00 -6.14 3.80
C TYR B 67 15.34 -6.82 3.56
N THR B 68 15.81 -7.55 4.55
CA THR B 68 17.08 -8.34 4.46
C THR B 68 16.99 -9.47 5.47
N GLU B 69 17.73 -10.54 5.21
CA GLU B 69 17.95 -11.61 6.22
C GLU B 69 18.72 -11.04 7.43
N PHE B 70 18.38 -11.46 8.65
CA PHE B 70 19.16 -11.09 9.86
C PHE B 70 18.92 -12.20 10.89
N THR B 71 19.94 -12.40 11.70
CA THR B 71 19.90 -13.33 12.85
C THR B 71 20.06 -12.47 14.08
N PRO B 72 18.97 -12.10 14.78
CA PRO B 72 19.04 -11.24 15.94
C PRO B 72 19.86 -11.94 17.03
N THR B 73 20.52 -11.12 17.84
CA THR B 73 21.25 -11.55 19.05
C THR B 73 20.88 -10.56 20.13
N GLU B 74 21.29 -10.80 21.37
CA GLU B 74 21.11 -9.86 22.51
C GLU B 74 21.89 -8.57 22.21
N LYS B 75 23.07 -8.70 21.60
CA LYS B 75 24.14 -7.66 21.47
C LYS B 75 23.78 -6.68 20.35
N ASP B 76 23.43 -7.21 19.19
CA ASP B 76 23.38 -6.42 17.94
C ASP B 76 22.16 -5.50 17.92
N GLU B 77 22.39 -4.24 17.55
CA GLU B 77 21.37 -3.20 17.36
C GLU B 77 21.05 -3.15 15.85
N TYR B 78 19.78 -3.04 15.52
CA TYR B 78 19.28 -2.85 14.13
C TYR B 78 18.45 -1.59 14.08
N ALA B 79 18.40 -0.99 12.89
CA ALA B 79 17.66 0.26 12.70
C ALA B 79 17.39 0.46 11.22
N CYS B 80 16.50 1.39 10.98
CA CYS B 80 16.22 1.84 9.61
C CYS B 80 16.45 3.34 9.50
N ARG B 81 17.12 3.79 8.47
CA ARG B 81 17.44 5.22 8.28
C ARG B 81 16.75 5.66 6.99
N VAL B 82 16.04 6.74 7.09
CA VAL B 82 15.17 7.18 5.98
C VAL B 82 15.43 8.65 5.66
N ASN B 83 15.63 8.95 4.39
CA ASN B 83 15.65 10.37 3.99
C ASN B 83 14.58 10.58 2.94
N HIS B 84 14.04 11.76 2.93
CA HIS B 84 12.96 12.18 2.01
C HIS B 84 13.06 13.70 1.86
N VAL B 85 12.48 14.27 0.82
CA VAL B 85 12.57 15.75 0.62
C VAL B 85 11.95 16.43 1.83
N THR B 86 10.98 15.86 2.53
CA THR B 86 10.28 16.47 3.69
C THR B 86 11.16 16.50 4.94
N LEU B 87 12.27 15.77 4.97
CA LEU B 87 13.12 15.59 6.18
C LEU B 87 14.38 16.45 6.03
N SER B 88 14.69 17.30 7.01
CA SER B 88 15.92 18.12 6.97
C SER B 88 17.17 17.23 7.13
N GLN B 89 17.03 16.11 7.83
CA GLN B 89 18.11 15.16 8.17
C GLN B 89 17.56 13.75 8.09
N PRO B 90 18.40 12.73 7.85
CA PRO B 90 17.90 11.35 7.87
C PRO B 90 17.26 11.03 9.23
N LYS B 91 16.16 10.28 9.23
CA LYS B 91 15.41 9.86 10.42
C LYS B 91 15.81 8.42 10.70
N ILE B 92 16.24 8.14 11.93
CA ILE B 92 16.61 6.77 12.33
C ILE B 92 15.54 6.24 13.26
N VAL B 93 14.96 5.07 12.96
CA VAL B 93 14.04 4.34 13.85
C VAL B 93 14.70 3.03 14.22
N LYS B 94 14.85 2.82 15.53
CA LYS B 94 15.54 1.62 16.03
C LYS B 94 14.57 0.45 16.05
N TRP B 95 15.08 -0.74 15.78
CA TRP B 95 14.32 -2.00 15.88
C TRP B 95 14.09 -2.31 17.37
N ASP B 96 12.84 -2.42 17.77
CA ASP B 96 12.40 -2.81 19.14
C ASP B 96 11.52 -4.05 18.93
N ARG B 97 11.85 -5.19 19.49
CA ARG B 97 11.11 -6.46 19.16
C ARG B 97 9.67 -6.43 19.70
N ASP B 98 9.30 -5.43 20.48
CA ASP B 98 7.95 -5.25 21.05
C ASP B 98 7.14 -4.21 20.24
N MET B 99 7.57 -3.82 19.04
CA MET B 99 6.79 -2.85 18.22
C MET B 99 6.75 -3.23 16.72
N ARG C 11 -8.83 -10.07 -24.46
CA ARG C 11 -7.74 -11.08 -24.23
C ARG C 11 -6.66 -10.51 -23.28
N ALA C 12 -6.00 -9.40 -23.61
CA ALA C 12 -4.95 -8.75 -22.76
C ALA C 12 -5.54 -8.47 -21.38
N PHE C 13 -4.73 -8.56 -20.31
CA PHE C 13 -5.15 -8.20 -18.94
C PHE C 13 -4.83 -6.75 -18.59
N VAL C 14 -3.99 -6.10 -19.35
CA VAL C 14 -3.58 -4.71 -19.07
C VAL C 14 -4.53 -3.79 -19.81
N LYS C 15 -4.88 -2.68 -19.26
CA LYS C 15 -5.80 -1.73 -19.92
C LYS C 15 -5.01 -0.76 -20.78
N LYS C 16 -5.47 -0.53 -21.99
CA LYS C 16 -4.98 0.57 -22.83
C LYS C 16 -5.31 1.90 -22.15
N LYS C 17 -4.31 2.75 -22.01
CA LYS C 17 -4.51 4.08 -21.42
C LYS C 17 -4.66 5.14 -22.50
N TYR C 18 -5.25 6.24 -22.12
CA TYR C 18 -5.48 7.42 -22.99
C TYR C 18 -4.78 8.63 -22.43
N CYS C 19 -4.17 9.42 -23.26
CA CYS C 19 -3.41 10.60 -22.84
C CYS C 19 -4.33 11.65 -22.25
N LEU C 20 -3.97 12.18 -21.11
CA LEU C 20 -4.75 13.23 -20.45
C LEU C 20 -4.66 14.54 -21.25
#